data_2MI0
#
_entry.id   2MI0
#
loop_
_entity.id
_entity.type
_entity.pdbx_description
1 polymer "5'-R(*GP*AP*GP*CP*AP*GP*CP*AP*UP*CP*GP*UP*CP*GP*GP*CP*UP*GP*CP*UP*CP*A)-3'"
2 polymer "5'-R(*GP*CP*GP*GP*CP*AP*GP*UP*UP*GP*AP*CP*UP*AP*CP*UP*GP*UP*CP*GP*C)-3'"
#
loop_
_entity_poly.entity_id
_entity_poly.type
_entity_poly.pdbx_seq_one_letter_code
_entity_poly.pdbx_strand_id
1 'polyribonucleotide' GAGCAGCAUCGUCGGCUGCUCA A
2 'polyribonucleotide' GCGGCAGUUGACUACUGUCGC B
#
loop_
_chem_comp.id
_chem_comp.type
_chem_comp.name
_chem_comp.formula
A RNA linking ADENOSINE-5'-MONOPHOSPHATE 'C10 H14 N5 O7 P'
C RNA linking CYTIDINE-5'-MONOPHOSPHATE 'C9 H14 N3 O8 P'
G RNA linking GUANOSINE-5'-MONOPHOSPHATE 'C10 H14 N5 O8 P'
U RNA linking URIDINE-5'-MONOPHOSPHATE 'C9 H13 N2 O9 P'
#